data_3THM
#
_entry.id   3THM
#
_cell.length_a   94.510
_cell.length_b   94.510
_cell.length_c   139.200
_cell.angle_alpha   90.00
_cell.angle_beta   90.00
_cell.angle_gamma   120.00
#
_symmetry.space_group_name_H-M   'P 31 2 1'
#
loop_
_entity.id
_entity.type
_entity.pdbx_description
1 polymer 'Fab EP6b_B01, light chain'
2 polymer 'Fab EP6b_B01, heavy chain'
3 polymer 'Tumor necrosis factor receptor superfamily member 6'
4 branched 2-acetamido-2-deoxy-beta-D-glucopyranose-(1-4)-[alpha-L-fucopyranose-(1-6)]2-acetamido-2-deoxy-beta-D-glucopyranose
5 non-polymer 1,2-ETHANEDIOL
6 water water
#
loop_
_entity_poly.entity_id
_entity_poly.type
_entity_poly.pdbx_seq_one_letter_code
_entity_poly.pdbx_strand_id
1 'polypeptide(L)'
;QSVLTQPPSVSEAPRQTVTISCSGNSSNIGRYPVNWYQQLPGKAPKLLIYSDNLRFSGVPDRFSGSKSGTTASLAIRDLL
SEDEADYYCSTWDDTLEGWVFGGGTKVTVLGQPKAAPSVTLFPPSSEELQANKATLVCLISDFYPGAVTVAWKADSSPVK
AGVETTTPSKQSNNKYAASSYLSLTPEQWKSHRSYSCQVTHEGSTVEKTVAPTECS
;
L
2 'polypeptide(L)'
;QLQLQESGPGLVKPSETLSLTCTVSGASISANSYYGVWVRQSPGKGLEWVGSIAYRGNSNSGSTYYNPSLKSRATVSVDS
SKNQVSLRLTSVTAADTALYYCARRQLLDDGTGYQWAAFDVWGQGTMVTVSSASTKGPSVFPLAPSSKSTSGGTAALGCL
VKDYFPEPVTVSWNSGALTSGVHTFPAVLQSSGLYSLSSVVTVPSSSLGTQTYICNVNHKPSNTKVDKKVEPKSCHHHHH
HHHHH
;
H
3 'polypeptide(L)'
;RLSSKSVNAQVTDINSKGLELRKTVTTVETQNLEGLHHDGQFCHKPCPPGERKARDCTVNGDEPDCVPCQEGKEYTDKAH
FSSKCRRCRLCDEGHGLEVEINCTRTQNTKCRCKPNFFCNSTVCEHCDPCTKCEHGIIKECTLTSNTKCKEEGSRS
;
F
#
# COMPACT_ATOMS: atom_id res chain seq x y z
N GLN A 1 -0.23 4.85 9.96
CA GLN A 1 -0.36 5.56 8.65
C GLN A 1 1.01 6.08 8.19
N SER A 2 1.09 6.39 6.90
CA SER A 2 2.31 6.94 6.32
C SER A 2 2.54 8.36 6.82
N VAL A 3 3.78 8.79 6.81
CA VAL A 3 4.10 10.14 7.08
C VAL A 3 3.62 11.06 5.96
N LEU A 4 3.41 10.54 4.78
CA LEU A 4 2.82 11.29 3.66
C LEU A 4 1.33 10.94 3.55
N THR A 5 0.48 11.96 3.46
CA THR A 5 -0.96 11.74 3.45
C THR A 5 -1.53 11.96 2.05
N GLN A 6 -2.16 10.91 1.52
CA GLN A 6 -2.90 10.96 0.25
C GLN A 6 -4.36 10.52 0.47
N PRO A 7 -5.29 11.07 -0.32
CA PRO A 7 -6.68 10.59 -0.25
C PRO A 7 -6.75 9.15 -0.76
N PRO A 8 -7.46 8.29 -0.04
CA PRO A 8 -7.51 6.90 -0.52
C PRO A 8 -8.22 6.78 -1.86
N SER A 9 -9.10 7.73 -2.19
CA SER A 9 -9.89 7.60 -3.42
C SER A 9 -10.21 8.94 -4.04
N VAL A 10 -9.90 9.10 -5.32
CA VAL A 10 -10.42 10.23 -6.10
C VAL A 10 -11.04 9.66 -7.38
N SER A 11 -11.96 10.41 -7.97
CA SER A 11 -12.65 9.91 -9.15
C SER A 11 -13.30 11.03 -9.95
N GLU A 12 -13.60 10.73 -11.20
CA GLU A 12 -14.35 11.63 -12.06
C GLU A 12 -14.79 10.85 -13.29
N ALA A 13 -15.68 11.45 -14.06
CA ALA A 13 -16.10 10.87 -15.33
C ALA A 13 -14.97 10.94 -16.34
N PRO A 14 -15.02 10.09 -17.38
CA PRO A 14 -14.07 10.16 -18.49
C PRO A 14 -13.95 11.58 -19.03
N ARG A 15 -12.75 11.94 -19.49
CA ARG A 15 -12.46 13.25 -20.06
C ARG A 15 -12.39 14.40 -19.05
N GLN A 16 -12.77 14.16 -17.80
CA GLN A 16 -12.64 15.21 -16.79
C GLN A 16 -11.23 15.21 -16.23
N THR A 17 -11.01 15.99 -15.18
CA THR A 17 -9.70 16.10 -14.55
C THR A 17 -9.78 15.75 -13.07
N VAL A 18 -8.78 15.03 -12.56
CA VAL A 18 -8.65 14.82 -11.12
C VAL A 18 -7.28 15.28 -10.65
N THR A 19 -7.21 15.67 -9.38
CA THR A 19 -5.96 16.07 -8.75
C THR A 19 -5.77 15.27 -7.45
N ILE A 20 -4.59 14.68 -7.29
CA ILE A 20 -4.28 13.89 -6.12
C ILE A 20 -3.27 14.64 -5.26
N SER A 21 -3.66 15.00 -4.04
CA SER A 21 -2.75 15.70 -3.11
C SER A 21 -1.88 14.68 -2.35
N CYS A 22 -0.69 15.10 -1.96
CA CYS A 22 0.21 14.30 -1.15
C CYS A 22 0.90 15.23 -0.17
N SER A 23 0.46 15.25 1.08
CA SER A 23 0.93 16.27 2.01
C SER A 23 1.86 15.70 3.08
N GLY A 24 2.79 16.54 3.53
CA GLY A 24 3.79 16.14 4.51
C GLY A 24 4.19 17.32 5.36
N ASN A 25 5.42 17.41 5.74
CA ASN A 25 5.94 18.53 6.50
C ASN A 25 7.38 18.83 6.11
N SER A 26 8.06 19.61 6.91
CA SER A 26 9.39 20.07 6.62
C SER A 26 10.48 19.00 6.60
N SER A 27 10.23 17.88 7.24
CA SER A 27 11.15 16.80 7.30
C SER A 27 11.14 15.97 6.02
N ASN A 28 10.11 16.13 5.23
CA ASN A 28 10.05 15.37 3.99
C ASN A 28 9.76 16.25 2.77
N ILE A 29 8.49 16.40 2.40
CA ILE A 29 8.17 17.14 1.18
C ILE A 29 8.68 18.58 1.22
N GLY A 30 8.71 19.19 2.40
CA GLY A 30 9.19 20.56 2.54
C GLY A 30 10.64 20.75 2.08
N ARG A 31 11.48 19.74 2.24
CA ARG A 31 12.91 19.84 1.86
C ARG A 31 13.31 19.03 0.62
N TYR A 32 12.56 17.96 0.31
CA TYR A 32 12.97 17.00 -0.72
C TYR A 32 11.95 16.84 -1.83
N PRO A 33 12.44 16.61 -3.06
CA PRO A 33 11.56 16.46 -4.23
C PRO A 33 10.77 15.17 -4.16
N VAL A 34 9.66 15.15 -4.89
CA VAL A 34 8.69 14.06 -4.81
C VAL A 34 8.63 13.29 -6.12
N ASN A 35 8.64 11.97 -6.01
CA ASN A 35 8.41 11.09 -7.15
C ASN A 35 7.03 10.47 -7.07
N TRP A 36 6.38 10.24 -8.22
CA TRP A 36 5.09 9.57 -8.27
C TRP A 36 5.17 8.25 -9.06
N TYR A 37 4.51 7.21 -8.57
CA TYR A 37 4.45 5.93 -9.26
C TYR A 37 3.00 5.56 -9.56
N GLN A 38 2.79 4.97 -10.73
CA GLN A 38 1.48 4.46 -11.12
C GLN A 38 1.52 2.95 -11.00
N GLN A 39 0.54 2.39 -10.29
CA GLN A 39 0.43 0.94 -10.24
C GLN A 39 -0.88 0.49 -10.88
N LEU A 40 -0.79 -0.04 -12.10
CA LEU A 40 -1.95 -0.57 -12.79
C LEU A 40 -2.41 -1.87 -12.14
N PRO A 41 -3.70 -2.17 -12.28
CA PRO A 41 -4.27 -3.37 -11.65
C PRO A 41 -3.43 -4.61 -11.99
N GLY A 42 -3.00 -5.33 -10.96
CA GLY A 42 -2.27 -6.58 -11.16
C GLY A 42 -0.82 -6.42 -11.59
N LYS A 43 -0.38 -5.18 -11.75
CA LYS A 43 0.97 -4.92 -12.26
C LYS A 43 1.88 -4.32 -11.19
N ALA A 44 3.16 -4.21 -11.50
CA ALA A 44 4.12 -3.55 -10.61
C ALA A 44 4.07 -2.03 -10.78
N PRO A 45 4.46 -1.30 -9.74
CA PRO A 45 4.58 0.16 -9.87
C PRO A 45 5.47 0.56 -11.03
N LYS A 46 5.18 1.69 -11.65
CA LYS A 46 6.14 2.28 -12.58
C LYS A 46 6.28 3.78 -12.35
N LEU A 47 7.49 4.27 -12.60
CA LEU A 47 7.81 5.67 -12.38
C LEU A 47 7.04 6.56 -13.36
N LEU A 48 6.35 7.53 -12.80
CA LEU A 48 5.47 8.37 -13.60
C LEU A 48 5.98 9.83 -13.66
N ILE A 49 6.21 10.42 -12.50
CA ILE A 49 6.74 11.79 -12.39
C ILE A 49 7.94 11.72 -11.46
N TYR A 50 9.02 12.43 -11.77
CA TYR A 50 10.13 12.51 -10.84
C TYR A 50 10.59 13.95 -10.58
N SER A 51 11.23 14.16 -9.44
CA SER A 51 11.77 15.46 -9.10
C SER A 51 10.67 16.53 -9.14
N ASP A 52 9.53 16.19 -8.53
CA ASP A 52 8.34 17.05 -8.43
C ASP A 52 7.51 17.19 -9.69
N ASN A 53 8.13 17.53 -10.81
CA ASN A 53 7.35 17.99 -11.95
C ASN A 53 7.79 17.51 -13.33
N LEU A 54 8.67 16.52 -13.38
CA LEU A 54 9.18 16.04 -14.66
C LEU A 54 8.56 14.69 -15.07
N ARG A 55 8.05 14.61 -16.29
CA ARG A 55 7.48 13.36 -16.81
C ARG A 55 8.55 12.34 -17.12
N PHE A 56 8.39 11.11 -16.61
CA PHE A 56 9.34 10.05 -16.94
C PHE A 56 9.08 9.55 -18.36
N SER A 57 9.93 8.61 -18.81
CA SER A 57 9.99 8.17 -20.21
C SER A 57 8.64 7.78 -20.80
N GLY A 58 8.29 8.41 -21.90
CA GLY A 58 7.07 8.07 -22.62
C GLY A 58 5.75 8.43 -21.93
N VAL A 59 5.79 8.99 -20.73
CA VAL A 59 4.53 9.30 -20.02
C VAL A 59 3.78 10.38 -20.79
N PRO A 60 2.47 10.17 -21.04
CA PRO A 60 1.64 11.09 -21.85
C PRO A 60 1.42 12.44 -21.18
N ASP A 61 1.08 13.45 -21.98
CA ASP A 61 0.99 14.83 -21.49
C ASP A 61 -0.11 15.06 -20.46
N ARG A 62 -1.17 14.24 -20.48
CA ARG A 62 -2.27 14.50 -19.56
C ARG A 62 -1.88 14.28 -18.09
N PHE A 63 -0.73 13.64 -17.84
CA PHE A 63 -0.20 13.53 -16.48
C PHE A 63 0.71 14.71 -16.19
N SER A 64 0.54 15.37 -15.08
CA SER A 64 1.48 16.35 -14.61
C SER A 64 1.62 16.41 -13.12
N GLY A 65 2.72 16.96 -12.63
CA GLY A 65 2.94 17.00 -11.20
C GLY A 65 3.57 18.33 -10.82
N SER A 66 3.30 18.77 -9.60
CA SER A 66 3.95 19.97 -9.10
C SER A 66 4.02 19.86 -7.58
N LYS A 67 4.80 20.76 -7.00
CA LYS A 67 5.00 20.77 -5.57
C LYS A 67 4.94 22.20 -5.08
N SER A 68 4.30 22.39 -3.94
CA SER A 68 4.26 23.70 -3.31
C SER A 68 4.27 23.50 -1.79
N GLY A 69 5.21 24.15 -1.13
CA GLY A 69 5.32 24.06 0.32
C GLY A 69 5.59 22.63 0.72
N THR A 70 4.65 22.04 1.43
CA THR A 70 4.79 20.68 1.89
C THR A 70 3.73 19.77 1.27
N THR A 71 3.17 20.19 0.14
CA THR A 71 2.24 19.33 -0.59
C THR A 71 2.68 19.10 -2.03
N ALA A 72 2.70 17.84 -2.44
CA ALA A 72 2.92 17.54 -3.84
C ALA A 72 1.58 17.16 -4.49
N SER A 73 1.38 17.54 -5.75
CA SER A 73 0.13 17.27 -6.44
C SER A 73 0.34 16.58 -7.79
N LEU A 74 -0.44 15.54 -8.05
CA LEU A 74 -0.46 14.90 -9.36
C LEU A 74 -1.79 15.20 -10.03
N ALA A 75 -1.76 15.80 -11.23
CA ALA A 75 -2.99 16.05 -11.97
C ALA A 75 -3.10 15.12 -13.18
N ILE A 76 -4.29 14.57 -13.37
CA ILE A 76 -4.60 13.80 -14.58
C ILE A 76 -5.79 14.42 -15.30
N ARG A 77 -5.52 15.10 -16.41
CA ARG A 77 -6.60 15.70 -17.17
C ARG A 77 -7.05 14.75 -18.28
N ASP A 78 -8.15 15.10 -18.94
CA ASP A 78 -8.68 14.27 -20.04
C ASP A 78 -8.67 12.76 -19.70
N LEU A 79 -9.15 12.41 -18.51
CA LEU A 79 -9.14 11.04 -18.01
C LEU A 79 -9.61 10.01 -19.01
N LEU A 80 -8.82 8.96 -19.17
CA LEU A 80 -9.23 7.79 -19.92
C LEU A 80 -9.46 6.62 -18.97
N SER A 81 -10.26 5.64 -19.39
CA SER A 81 -10.53 4.45 -18.57
C SER A 81 -9.24 3.77 -18.13
N GLU A 82 -8.27 3.72 -19.02
CA GLU A 82 -7.01 3.03 -18.72
C GLU A 82 -6.22 3.72 -17.60
N ASP A 83 -6.63 4.93 -17.20
CA ASP A 83 -5.94 5.63 -16.10
C ASP A 83 -6.39 5.13 -14.71
N GLU A 84 -7.44 4.31 -14.68
CA GLU A 84 -7.87 3.68 -13.45
C GLU A 84 -6.70 2.86 -12.89
N ALA A 85 -6.20 3.24 -11.70
CA ALA A 85 -4.98 2.67 -11.15
C ALA A 85 -4.77 3.18 -9.71
N ASP A 86 -3.79 2.61 -9.00
CA ASP A 86 -3.33 3.22 -7.75
C ASP A 86 -2.10 4.08 -8.00
N TYR A 87 -2.06 5.25 -7.38
CA TYR A 87 -0.92 6.17 -7.53
C TYR A 87 -0.27 6.46 -6.16
N TYR A 88 1.05 6.38 -6.11
CA TYR A 88 1.80 6.58 -4.86
C TYR A 88 2.79 7.75 -5.00
N CYS A 89 2.77 8.69 -4.06
CA CYS A 89 3.82 9.70 -3.98
C CYS A 89 4.93 9.14 -3.08
N SER A 90 6.12 9.69 -3.21
CA SER A 90 7.30 9.13 -2.56
C SER A 90 8.36 10.21 -2.37
N THR A 91 9.02 10.22 -1.22
CA THR A 91 10.16 11.13 -1.02
C THR A 91 11.07 10.66 0.13
N TRP A 92 12.09 11.45 0.44
CA TRP A 92 12.95 11.23 1.60
C TRP A 92 12.41 11.96 2.81
N ASP A 93 12.51 11.32 3.97
CA ASP A 93 12.20 11.96 5.24
C ASP A 93 13.48 11.95 6.07
N ASP A 94 13.98 13.14 6.47
CA ASP A 94 15.30 13.23 7.10
C ASP A 94 15.23 13.19 8.62
N THR A 95 14.05 12.89 9.15
CA THR A 95 13.92 12.59 10.56
C THR A 95 14.01 11.07 10.72
N LEU A 96 13.28 10.36 9.87
CA LEU A 96 13.39 8.91 9.80
C LEU A 96 14.67 8.49 9.06
N GLU A 97 15.18 9.41 8.23
CA GLU A 97 16.31 9.13 7.33
C GLU A 97 16.09 7.85 6.50
N GLY A 98 15.04 7.88 5.68
CA GLY A 98 14.73 6.79 4.77
C GLY A 98 13.69 7.21 3.74
N TRP A 99 13.50 6.37 2.73
CA TRP A 99 12.47 6.63 1.73
C TRP A 99 11.13 6.34 2.37
N VAL A 100 10.15 7.21 2.11
CA VAL A 100 8.76 7.01 2.55
C VAL A 100 7.81 7.09 1.35
N PHE A 101 6.64 6.45 1.48
CA PHE A 101 5.63 6.44 0.44
C PHE A 101 4.31 6.89 1.05
N GLY A 102 3.47 7.57 0.28
CA GLY A 102 2.10 7.83 0.72
C GLY A 102 1.34 6.51 0.78
N GLY A 103 0.13 6.55 1.33
CA GLY A 103 -0.69 5.35 1.48
C GLY A 103 -1.31 4.92 0.16
N GLY A 104 -1.18 5.74 -0.87
CA GLY A 104 -1.69 5.40 -2.19
C GLY A 104 -3.09 5.97 -2.41
N THR A 105 -3.39 6.29 -3.66
CA THR A 105 -4.69 6.83 -4.05
C THR A 105 -5.23 6.01 -5.21
N LYS A 106 -6.40 5.41 -5.05
CA LYS A 106 -7.06 4.76 -6.17
C LYS A 106 -7.81 5.81 -7.02
N VAL A 107 -7.50 5.86 -8.30
CA VAL A 107 -8.26 6.68 -9.23
C VAL A 107 -9.31 5.81 -9.92
N THR A 108 -10.57 6.19 -9.78
CA THR A 108 -11.64 5.48 -10.48
C THR A 108 -12.17 6.36 -11.59
N VAL A 109 -12.25 5.82 -12.80
CA VAL A 109 -12.89 6.52 -13.90
C VAL A 109 -14.35 6.05 -13.94
N LEU A 110 -15.25 6.92 -13.51
CA LEU A 110 -16.62 6.52 -13.24
C LEU A 110 -17.32 5.98 -14.49
N GLY A 111 -17.80 4.74 -14.41
CA GLY A 111 -18.54 4.12 -15.50
C GLY A 111 -20.02 4.04 -15.18
N GLN A 112 -20.36 4.49 -13.98
CA GLN A 112 -21.74 4.50 -13.50
C GLN A 112 -21.80 5.48 -12.33
N PRO A 113 -23.01 5.81 -11.89
CA PRO A 113 -23.13 6.75 -10.75
C PRO A 113 -22.53 6.17 -9.46
N LYS A 114 -22.11 7.06 -8.57
CA LYS A 114 -21.63 6.64 -7.25
C LYS A 114 -22.74 5.94 -6.49
N ALA A 115 -22.36 5.01 -5.61
CA ALA A 115 -23.32 4.26 -4.83
C ALA A 115 -22.82 4.05 -3.41
N ALA A 116 -23.65 4.41 -2.43
CA ALA A 116 -23.31 4.26 -1.02
C ALA A 116 -23.38 2.78 -0.61
N PRO A 117 -22.50 2.35 0.29
CA PRO A 117 -22.56 0.94 0.68
C PRO A 117 -23.82 0.56 1.45
N SER A 118 -24.24 -0.68 1.31
CA SER A 118 -25.22 -1.27 2.21
C SER A 118 -24.42 -2.04 3.27
N VAL A 119 -24.67 -1.73 4.54
CA VAL A 119 -23.92 -2.31 5.64
C VAL A 119 -24.82 -3.20 6.51
N THR A 120 -24.36 -4.42 6.76
CA THR A 120 -25.06 -5.32 7.66
C THR A 120 -24.10 -5.84 8.73
N LEU A 121 -24.50 -5.70 10.00
CA LEU A 121 -23.66 -6.11 11.11
C LEU A 121 -24.34 -7.26 11.88
N PHE A 122 -23.68 -8.42 11.94
CA PHE A 122 -24.18 -9.54 12.73
C PHE A 122 -23.38 -9.69 14.04
N PRO A 123 -24.09 -9.93 15.17
CA PRO A 123 -23.39 -10.25 16.42
C PRO A 123 -22.96 -11.72 16.45
N PRO A 124 -22.18 -12.14 17.46
CA PRO A 124 -21.86 -13.58 17.57
C PRO A 124 -23.11 -14.45 17.67
N SER A 125 -23.11 -15.60 17.00
CA SER A 125 -24.21 -16.55 17.15
C SER A 125 -24.12 -17.27 18.49
N SER A 126 -25.27 -17.72 18.99
CA SER A 126 -25.29 -18.43 20.26
C SER A 126 -24.48 -19.73 20.13
N GLU A 127 -24.48 -20.31 18.93
CA GLU A 127 -23.65 -21.48 18.65
C GLU A 127 -22.16 -21.15 18.86
N GLU A 128 -21.68 -20.05 18.28
CA GLU A 128 -20.27 -19.70 18.41
C GLU A 128 -19.89 -19.41 19.87
N LEU A 129 -20.76 -18.70 20.57
CA LEU A 129 -20.49 -18.39 21.98
C LEU A 129 -20.35 -19.70 22.77
N GLN A 130 -21.17 -20.69 22.46
CA GLN A 130 -21.10 -21.98 23.13
C GLN A 130 -19.80 -22.69 22.82
N ALA A 131 -19.23 -22.39 21.66
CA ALA A 131 -17.92 -22.93 21.29
C ALA A 131 -16.82 -22.02 21.85
N ASN A 132 -17.20 -21.12 22.74
CA ASN A 132 -16.25 -20.26 23.44
C ASN A 132 -15.51 -19.28 22.53
N LYS A 133 -16.20 -18.74 21.53
CA LYS A 133 -15.64 -17.70 20.69
C LYS A 133 -16.71 -16.68 20.35
N ALA A 134 -16.30 -15.53 19.81
CA ALA A 134 -17.27 -14.50 19.47
C ALA A 134 -16.77 -13.64 18.31
N THR A 135 -17.41 -13.80 17.15
CA THR A 135 -17.03 -13.04 15.98
C THR A 135 -18.14 -12.08 15.58
N LEU A 136 -17.79 -10.80 15.46
CA LEU A 136 -18.71 -9.80 14.90
C LEU A 136 -18.45 -9.70 13.40
N VAL A 137 -19.51 -9.65 12.60
CA VAL A 137 -19.37 -9.73 11.15
C VAL A 137 -20.00 -8.52 10.44
N CYS A 138 -19.16 -7.70 9.83
CA CYS A 138 -19.63 -6.49 9.16
C CYS A 138 -19.54 -6.69 7.66
N LEU A 139 -20.70 -6.75 7.00
CA LEU A 139 -20.76 -7.00 5.55
C LEU A 139 -21.13 -5.74 4.78
N ILE A 140 -20.38 -5.48 3.71
CA ILE A 140 -20.47 -4.19 3.03
C ILE A 140 -20.58 -4.41 1.53
N SER A 141 -21.69 -4.02 0.93
CA SER A 141 -21.88 -4.32 -0.47
C SER A 141 -22.43 -3.16 -1.31
N ASP A 142 -22.43 -3.36 -2.62
CA ASP A 142 -23.00 -2.43 -3.60
C ASP A 142 -22.44 -1.01 -3.52
N PHE A 143 -21.13 -0.88 -3.29
CA PHE A 143 -20.56 0.48 -3.25
C PHE A 143 -19.63 0.77 -4.43
N TYR A 144 -19.52 2.05 -4.78
CA TYR A 144 -18.74 2.48 -5.93
C TYR A 144 -18.47 3.99 -5.82
N PRO A 145 -17.22 4.42 -6.00
CA PRO A 145 -16.00 3.65 -6.27
C PRO A 145 -15.69 2.57 -5.22
N GLY A 146 -14.88 1.58 -5.60
CA GLY A 146 -14.54 0.47 -4.70
C GLY A 146 -13.42 0.82 -3.73
N ALA A 147 -13.73 1.70 -2.79
CA ALA A 147 -12.79 2.05 -1.73
C ALA A 147 -13.58 2.40 -0.49
N VAL A 148 -13.24 1.76 0.64
CA VAL A 148 -13.85 2.09 1.93
C VAL A 148 -12.82 2.08 3.05
N THR A 149 -13.14 2.82 4.11
CA THR A 149 -12.39 2.71 5.36
C THR A 149 -13.32 2.10 6.42
N VAL A 150 -12.86 1.05 7.09
CA VAL A 150 -13.65 0.43 8.16
C VAL A 150 -12.98 0.61 9.52
N ALA A 151 -13.79 1.01 10.51
CA ALA A 151 -13.29 1.20 11.87
C ALA A 151 -14.31 0.61 12.84
N TRP A 152 -13.80 0.01 13.91
CA TRP A 152 -14.66 -0.59 14.92
C TRP A 152 -14.59 0.20 16.21
N LYS A 153 -15.69 0.20 16.96
CA LYS A 153 -15.74 0.88 18.24
C LYS A 153 -16.33 -0.07 19.29
N ALA A 154 -15.77 -0.02 20.49
CA ALA A 154 -16.39 -0.65 21.66
C ALA A 154 -16.96 0.48 22.48
N ASP A 155 -18.28 0.48 22.64
CA ASP A 155 -18.97 1.66 23.13
C ASP A 155 -18.60 2.80 22.18
N SER A 156 -17.75 3.73 22.65
CA SER A 156 -17.30 4.82 21.79
C SER A 156 -15.77 4.84 21.62
N SER A 157 -15.10 3.81 22.13
CA SER A 157 -13.65 3.74 22.04
C SER A 157 -13.20 2.95 20.81
N PRO A 158 -12.10 3.38 20.19
CA PRO A 158 -11.59 2.63 19.03
C PRO A 158 -11.08 1.24 19.43
N VAL A 159 -11.33 0.26 18.58
CA VAL A 159 -10.81 -1.10 18.74
C VAL A 159 -10.03 -1.48 17.49
N LYS A 160 -8.76 -1.83 17.65
CA LYS A 160 -7.93 -2.27 16.51
C LYS A 160 -7.60 -3.77 16.57
N ALA A 161 -7.45 -4.30 17.78
CA ALA A 161 -6.96 -5.67 17.95
C ALA A 161 -8.05 -6.71 17.72
N GLY A 162 -7.82 -7.59 16.76
CA GLY A 162 -8.77 -8.64 16.42
C GLY A 162 -9.56 -8.31 15.17
N VAL A 163 -9.22 -7.18 14.53
CA VAL A 163 -9.94 -6.71 13.35
C VAL A 163 -9.25 -7.19 12.07
N GLU A 164 -10.01 -7.79 11.16
CA GLU A 164 -9.49 -8.10 9.82
C GLU A 164 -10.51 -7.68 8.78
N THR A 165 -10.03 -7.05 7.71
CA THR A 165 -10.90 -6.41 6.73
C THR A 165 -10.40 -6.70 5.33
N THR A 166 -11.30 -7.15 4.44
CA THR A 166 -10.87 -7.52 3.10
C THR A 166 -10.68 -6.27 2.26
N THR A 167 -9.88 -6.39 1.20
CA THR A 167 -9.90 -5.39 0.15
C THR A 167 -11.21 -5.50 -0.62
N PRO A 168 -11.69 -4.38 -1.18
CA PRO A 168 -12.95 -4.43 -1.92
C PRO A 168 -12.79 -5.33 -3.14
N SER A 169 -13.82 -6.08 -3.48
CA SER A 169 -13.79 -6.93 -4.66
C SER A 169 -14.97 -6.57 -5.52
N LYS A 170 -14.78 -6.63 -6.83
CA LYS A 170 -15.81 -6.19 -7.78
C LYS A 170 -16.93 -7.21 -7.87
N GLN A 171 -18.16 -6.74 -7.73
CA GLN A 171 -19.31 -7.61 -7.95
C GLN A 171 -19.61 -7.68 -9.44
N SER A 172 -20.58 -8.52 -9.80
CA SER A 172 -20.96 -8.70 -11.20
C SER A 172 -21.56 -7.43 -11.79
N ASN A 173 -22.15 -6.59 -10.96
CA ASN A 173 -22.72 -5.34 -11.45
C ASN A 173 -21.67 -4.25 -11.53
N ASN A 174 -20.43 -4.63 -11.23
CA ASN A 174 -19.30 -3.70 -11.27
C ASN A 174 -19.28 -2.72 -10.10
N LYS A 175 -20.21 -2.88 -9.16
CA LYS A 175 -20.05 -2.25 -7.85
C LYS A 175 -19.14 -3.17 -7.05
N TYR A 176 -18.93 -2.86 -5.78
CA TYR A 176 -17.92 -3.55 -4.97
C TYR A 176 -18.47 -4.07 -3.64
N ALA A 177 -17.77 -5.06 -3.10
CA ALA A 177 -18.15 -5.63 -1.82
C ALA A 177 -16.91 -5.76 -0.94
N ALA A 178 -17.08 -5.64 0.37
CA ALA A 178 -16.00 -5.91 1.30
C ALA A 178 -16.56 -6.46 2.61
N SER A 179 -15.71 -7.05 3.44
CA SER A 179 -16.17 -7.49 4.75
C SER A 179 -15.11 -7.22 5.81
N SER A 180 -15.58 -7.09 7.05
CA SER A 180 -14.67 -6.89 8.15
C SER A 180 -15.13 -7.76 9.31
N TYR A 181 -14.17 -8.37 10.00
CA TYR A 181 -14.44 -9.26 11.11
C TYR A 181 -13.74 -8.79 12.37
N LEU A 182 -14.48 -8.71 13.46
CA LEU A 182 -13.87 -8.43 14.76
C LEU A 182 -13.97 -9.70 15.59
N SER A 183 -12.83 -10.35 15.82
CA SER A 183 -12.78 -11.63 16.55
C SER A 183 -12.43 -11.41 18.02
N LEU A 184 -13.38 -11.73 18.89
CA LEU A 184 -13.22 -11.47 20.32
C LEU A 184 -13.41 -12.75 21.10
N THR A 185 -13.01 -12.74 22.36
CA THR A 185 -13.45 -13.76 23.30
C THR A 185 -14.88 -13.44 23.74
N PRO A 186 -15.60 -14.45 24.23
CA PRO A 186 -16.94 -14.19 24.80
C PRO A 186 -16.92 -13.15 25.92
N GLU A 187 -15.86 -13.15 26.73
CA GLU A 187 -15.76 -12.23 27.85
C GLU A 187 -15.59 -10.79 27.36
N GLN A 188 -14.77 -10.61 26.33
CA GLN A 188 -14.57 -9.30 25.73
C GLN A 188 -15.88 -8.78 25.13
N TRP A 189 -16.61 -9.66 24.46
CA TRP A 189 -17.88 -9.29 23.82
C TRP A 189 -18.83 -8.77 24.90
N LYS A 190 -18.82 -9.39 26.07
CA LYS A 190 -19.73 -9.01 27.15
C LYS A 190 -19.23 -7.86 28.00
N SER A 191 -18.01 -7.38 27.74
CA SER A 191 -17.44 -6.31 28.54
C SER A 191 -17.98 -4.92 28.17
N HIS A 192 -18.62 -4.80 27.01
CA HIS A 192 -19.11 -3.50 26.57
C HIS A 192 -20.61 -3.48 26.33
N ARG A 193 -21.20 -2.30 26.48
CA ARG A 193 -22.61 -2.08 26.23
C ARG A 193 -22.94 -2.35 24.76
N SER A 194 -22.02 -1.98 23.87
CA SER A 194 -22.24 -2.20 22.45
C SER A 194 -20.93 -2.16 21.66
N TYR A 195 -20.96 -2.74 20.47
CA TYR A 195 -19.86 -2.63 19.51
C TYR A 195 -20.42 -2.06 18.23
N SER A 196 -19.61 -1.29 17.51
CA SER A 196 -20.07 -0.70 16.27
C SER A 196 -19.07 -0.91 15.16
N CYS A 197 -19.60 -1.16 13.97
CA CYS A 197 -18.82 -1.15 12.74
C CYS A 197 -19.10 0.16 12.00
N GLN A 198 -18.05 0.93 11.74
CA GLN A 198 -18.19 2.24 11.08
C GLN A 198 -17.57 2.16 9.70
N VAL A 199 -18.36 2.49 8.69
CA VAL A 199 -17.89 2.37 7.31
C VAL A 199 -17.88 3.73 6.63
N THR A 200 -16.70 4.19 6.24
CA THR A 200 -16.56 5.48 5.56
C THR A 200 -16.41 5.22 4.06
N HIS A 201 -17.27 5.87 3.28
CA HIS A 201 -17.20 5.78 1.83
C HIS A 201 -17.38 7.18 1.25
N GLU A 202 -16.43 7.59 0.41
N GLU A 202 -16.48 7.64 0.39
CA GLU A 202 -16.40 8.90 -0.22
CA GLU A 202 -16.63 8.95 -0.23
C GLU A 202 -16.71 10.01 0.77
C GLU A 202 -16.74 10.07 0.79
N GLY A 203 -15.96 10.02 1.86
CA GLY A 203 -15.99 11.07 2.86
C GLY A 203 -17.18 11.07 3.81
N SER A 204 -18.00 10.03 3.76
CA SER A 204 -19.20 9.94 4.60
C SER A 204 -19.22 8.63 5.40
N THR A 205 -19.48 8.73 6.71
CA THR A 205 -19.43 7.56 7.59
C THR A 205 -20.82 7.14 8.08
N VAL A 206 -21.19 5.88 7.85
CA VAL A 206 -22.38 5.31 8.46
C VAL A 206 -21.94 4.26 9.47
N GLU A 207 -22.81 3.91 10.42
CA GLU A 207 -22.43 2.92 11.40
C GLU A 207 -23.58 1.97 11.74
N LYS A 208 -23.22 0.73 12.04
CA LYS A 208 -24.16 -0.25 12.54
C LYS A 208 -23.67 -0.71 13.90
N THR A 209 -24.61 -1.06 14.78
CA THR A 209 -24.29 -1.31 16.18
C THR A 209 -25.01 -2.57 16.66
N VAL A 210 -24.33 -3.39 17.45
CA VAL A 210 -24.96 -4.55 18.08
C VAL A 210 -24.66 -4.58 19.57
N ALA A 211 -25.55 -5.16 20.35
CA ALA A 211 -25.37 -5.22 21.80
C ALA A 211 -25.48 -6.66 22.30
N PRO A 212 -24.61 -7.02 23.24
CA PRO A 212 -24.60 -8.37 23.82
C PRO A 212 -25.93 -8.72 24.48
N THR A 213 -26.55 -7.74 25.12
CA THR A 213 -27.75 -7.98 25.90
C THR A 213 -29.01 -7.89 25.03
N GLU A 214 -28.89 -8.28 23.76
CA GLU A 214 -30.01 -8.20 22.84
C GLU A 214 -29.96 -9.32 21.80
N GLN B 1 17.99 -1.09 -21.65
CA GLN B 1 16.97 -2.13 -21.66
C GLN B 1 17.11 -3.02 -20.43
N LEU B 2 17.27 -2.42 -19.26
CA LEU B 2 17.39 -3.18 -18.02
C LEU B 2 16.09 -3.90 -17.67
N GLN B 3 16.20 -5.14 -17.21
CA GLN B 3 15.02 -5.86 -16.73
C GLN B 3 15.33 -6.59 -15.43
N LEU B 4 14.32 -6.70 -14.57
CA LEU B 4 14.51 -7.30 -13.25
C LEU B 4 13.46 -8.38 -13.04
N GLN B 5 13.84 -9.44 -12.35
CA GLN B 5 12.90 -10.48 -11.99
C GLN B 5 13.21 -11.09 -10.64
N GLU B 6 12.20 -11.05 -9.77
CA GLU B 6 12.33 -11.59 -8.44
C GLU B 6 11.95 -13.06 -8.46
N SER B 7 12.47 -13.80 -7.50
CA SER B 7 12.05 -15.19 -7.29
C SER B 7 12.20 -15.52 -5.81
N GLY B 8 11.27 -16.31 -5.30
CA GLY B 8 11.27 -16.67 -3.89
C GLY B 8 10.48 -17.95 -3.69
N PRO B 9 10.36 -18.39 -2.43
CA PRO B 9 9.77 -19.68 -2.08
C PRO B 9 8.25 -19.63 -1.97
N GLY B 10 7.66 -18.46 -2.13
CA GLY B 10 6.21 -18.32 -2.08
C GLY B 10 5.66 -18.38 -0.66
N LEU B 11 6.04 -19.42 0.08
CA LEU B 11 5.56 -19.61 1.43
C LEU B 11 6.70 -19.78 2.41
N VAL B 12 6.55 -19.22 3.61
CA VAL B 12 7.53 -19.36 4.67
C VAL B 12 6.86 -19.40 6.04
N LYS B 13 7.49 -20.08 7.00
CA LYS B 13 6.89 -20.23 8.33
C LYS B 13 7.43 -19.20 9.30
N PRO B 14 6.58 -18.75 10.24
CA PRO B 14 6.98 -17.75 11.23
C PRO B 14 8.27 -18.15 11.94
N SER B 15 9.11 -17.15 12.24
CA SER B 15 10.40 -17.35 12.92
C SER B 15 11.50 -17.76 11.94
N GLU B 16 11.12 -18.33 10.80
CA GLU B 16 12.11 -18.72 9.79
C GLU B 16 12.69 -17.51 9.08
N THR B 17 13.64 -17.76 8.19
CA THR B 17 14.29 -16.71 7.44
C THR B 17 13.86 -16.73 5.97
N LEU B 18 13.46 -15.57 5.47
CA LEU B 18 13.00 -15.45 4.09
C LEU B 18 14.15 -15.03 3.19
N SER B 19 14.37 -15.78 2.11
CA SER B 19 15.41 -15.46 1.13
C SER B 19 14.82 -15.20 -0.24
N LEU B 20 15.16 -14.05 -0.81
CA LEU B 20 14.68 -13.70 -2.14
C LEU B 20 15.86 -13.33 -3.02
N THR B 21 15.69 -13.46 -4.33
CA THR B 21 16.71 -13.04 -5.27
C THR B 21 16.13 -12.18 -6.39
N CYS B 22 16.96 -11.28 -6.89
CA CYS B 22 16.57 -10.39 -7.96
C CYS B 22 17.59 -10.51 -9.08
N THR B 23 17.16 -11.08 -10.21
CA THR B 23 18.07 -11.31 -11.33
C THR B 23 18.03 -10.14 -12.28
N VAL B 24 19.20 -9.55 -12.55
CA VAL B 24 19.29 -8.43 -13.49
C VAL B 24 19.71 -8.90 -14.87
N SER B 25 19.02 -8.40 -15.90
CA SER B 25 19.37 -8.71 -17.28
C SER B 25 19.42 -7.45 -18.13
N GLY B 26 20.10 -7.54 -19.27
CA GLY B 26 20.21 -6.43 -20.20
C GLY B 26 21.31 -5.45 -19.84
N ALA B 27 22.02 -5.73 -18.75
CA ALA B 27 23.15 -4.93 -18.32
C ALA B 27 23.94 -5.69 -17.25
N SER B 28 25.20 -5.33 -17.05
CA SER B 28 25.99 -5.92 -15.96
C SER B 28 25.98 -4.99 -14.75
N ILE B 29 25.66 -5.54 -13.58
CA ILE B 29 25.63 -4.73 -12.36
C ILE B 29 27.03 -4.57 -11.81
N SER B 30 27.95 -5.39 -12.33
CA SER B 30 29.32 -5.38 -11.89
C SER B 30 30.23 -4.72 -12.92
N ALA B 31 29.64 -4.09 -13.92
CA ALA B 31 30.42 -3.46 -14.99
C ALA B 31 30.98 -2.13 -14.50
N ASN B 32 30.20 -1.44 -13.67
CA ASN B 32 30.68 -0.24 -13.00
C ASN B 32 30.05 -0.05 -11.62
N SER B 33 28.76 0.24 -11.57
CA SER B 33 28.08 0.36 -10.29
C SER B 33 26.57 0.22 -10.42
N TYR B 34 25.95 -0.32 -9.38
CA TYR B 34 24.52 -0.57 -9.37
C TYR B 34 23.93 -0.30 -8.00
N TYR B 35 22.85 0.45 -7.95
CA TYR B 35 22.15 0.74 -6.70
C TYR B 35 20.80 0.05 -6.73
N GLY B 36 20.65 -1.01 -5.95
CA GLY B 36 19.40 -1.76 -5.96
C GLY B 36 18.64 -1.60 -4.66
N VAL B 37 17.31 -1.71 -4.73
CA VAL B 37 16.49 -1.65 -3.53
C VAL B 37 15.44 -2.74 -3.54
N TRP B 38 14.92 -3.04 -2.35
CA TRP B 38 13.74 -3.88 -2.22
C TRP B 38 12.60 -3.01 -1.63
N VAL B 39 11.40 -3.23 -2.13
CA VAL B 39 10.21 -2.50 -1.69
C VAL B 39 9.10 -3.54 -1.59
N ARG B 40 8.34 -3.55 -0.50
CA ARG B 40 7.30 -4.58 -0.38
C ARG B 40 5.93 -3.96 -0.24
N GLN B 41 4.91 -4.75 -0.56
CA GLN B 41 3.54 -4.29 -0.51
C GLN B 41 2.64 -5.36 0.06
N SER B 42 2.11 -5.12 1.25
CA SER B 42 1.15 -6.06 1.83
C SER B 42 -0.08 -6.03 0.94
N PRO B 43 -0.72 -7.19 0.76
CA PRO B 43 -1.90 -7.25 -0.13
C PRO B 43 -2.94 -6.19 0.26
N GLY B 44 -3.39 -5.39 -0.71
CA GLY B 44 -4.41 -4.38 -0.45
C GLY B 44 -3.86 -3.12 0.20
N LYS B 45 -2.57 -3.12 0.54
CA LYS B 45 -1.96 -1.97 1.21
C LYS B 45 -0.92 -1.26 0.32
N GLY B 46 -0.16 -0.35 0.93
CA GLY B 46 0.72 0.53 0.18
C GLY B 46 2.16 0.03 0.13
N LEU B 47 3.07 0.88 -0.34
CA LEU B 47 4.45 0.48 -0.55
C LEU B 47 5.30 0.88 0.63
N GLU B 48 6.30 0.04 0.91
CA GLU B 48 7.25 0.31 1.97
C GLU B 48 8.63 -0.07 1.48
N TRP B 49 9.57 0.89 1.55
CA TRP B 49 10.95 0.64 1.16
C TRP B 49 11.62 -0.25 2.24
N VAL B 50 12.28 -1.33 1.82
CA VAL B 50 12.88 -2.27 2.79
C VAL B 50 14.36 -1.99 3.03
N GLY B 51 15.13 -1.85 1.95
CA GLY B 51 16.54 -1.55 2.08
C GLY B 51 17.23 -1.40 0.75
N SER B 52 18.53 -1.08 0.80
CA SER B 52 19.31 -0.71 -0.37
C SER B 52 20.72 -1.31 -0.36
N ILE B 53 21.29 -1.52 -1.54
CA ILE B 53 22.72 -1.74 -1.66
C ILE B 53 23.27 -0.89 -2.80
N ALA B 54 24.33 -0.13 -2.52
CA ALA B 54 25.07 0.57 -3.56
C ALA B 54 26.33 -0.23 -3.88
N TYR B 55 26.35 -0.87 -5.04
CA TYR B 55 27.33 -1.88 -5.35
C TYR B 55 28.32 -1.40 -6.41
N ARG B 56 29.59 -1.73 -6.20
CA ARG B 56 30.63 -1.45 -7.17
C ARG B 56 31.28 -2.74 -7.66
N GLY B 57 31.20 -2.98 -8.96
CA GLY B 57 31.70 -4.22 -9.54
C GLY B 57 33.21 -4.32 -9.44
N ASN B 58 33.86 -3.16 -9.53
CA ASN B 58 35.30 -3.07 -9.46
C ASN B 58 35.87 -3.78 -8.23
N SER B 59 35.47 -3.33 -7.05
CA SER B 59 35.95 -3.90 -5.80
C SER B 59 35.04 -5.01 -5.30
N ASN B 60 34.11 -5.44 -6.15
CA ASN B 60 33.11 -6.41 -5.77
C ASN B 60 32.63 -6.20 -4.33
N SER B 61 32.20 -4.98 -4.02
CA SER B 61 31.67 -4.67 -2.71
C SER B 61 30.55 -3.64 -2.83
N GLY B 62 29.72 -3.58 -1.80
CA GLY B 62 28.63 -2.61 -1.76
C GLY B 62 28.32 -2.19 -0.33
N SER B 63 27.77 -0.99 -0.18
CA SER B 63 27.32 -0.52 1.12
C SER B 63 25.81 -0.62 1.20
N THR B 64 25.32 -1.00 2.37
CA THR B 64 23.90 -1.24 2.53
C THR B 64 23.28 -0.17 3.41
N TYR B 65 21.96 -0.06 3.33
CA TYR B 65 21.21 0.93 4.08
C TYR B 65 19.78 0.45 4.15
N TYR B 66 19.25 0.38 5.37
CA TYR B 66 17.98 -0.31 5.61
C TYR B 66 16.95 0.59 6.27
N ASN B 67 15.69 0.31 6.01
CA ASN B 67 14.62 0.93 6.77
C ASN B 67 14.77 0.49 8.24
N PRO B 68 14.89 1.46 9.17
CA PRO B 68 15.02 1.16 10.60
C PRO B 68 13.86 0.37 11.18
N SER B 69 12.69 0.45 10.55
CA SER B 69 11.52 -0.28 11.05
C SER B 69 11.69 -1.79 10.90
N LEU B 70 12.67 -2.22 10.11
CA LEU B 70 12.92 -3.65 9.95
C LEU B 70 13.74 -4.19 11.14
N LYS B 71 14.17 -3.30 12.02
CA LYS B 71 14.91 -3.69 13.22
C LYS B 71 16.10 -4.61 12.90
N SER B 72 16.81 -4.30 11.82
CA SER B 72 18.01 -5.03 11.46
C SER B 72 17.74 -6.50 11.09
N ARG B 73 16.52 -6.83 10.71
CA ARG B 73 16.20 -8.20 10.32
C ARG B 73 16.50 -8.43 8.83
N ALA B 74 16.69 -7.35 8.10
CA ALA B 74 16.89 -7.42 6.66
C ALA B 74 18.36 -7.25 6.32
N THR B 75 18.87 -8.11 5.42
CA THR B 75 20.18 -7.90 4.83
C THR B 75 20.11 -8.03 3.31
N VAL B 76 20.82 -7.15 2.62
CA VAL B 76 20.86 -7.19 1.17
C VAL B 76 22.31 -7.44 0.74
N SER B 77 22.48 -8.28 -0.27
CA SER B 77 23.81 -8.62 -0.77
C SER B 77 23.79 -8.86 -2.26
N VAL B 78 24.97 -8.98 -2.85
CA VAL B 78 25.10 -9.12 -4.30
C VAL B 78 25.96 -10.34 -4.66
N ASP B 79 25.59 -11.00 -5.76
CA ASP B 79 26.36 -12.11 -6.32
C ASP B 79 26.64 -11.77 -7.77
N SER B 80 27.79 -11.16 -8.03
CA SER B 80 28.05 -10.58 -9.35
C SER B 80 28.21 -11.61 -10.46
N SER B 81 28.66 -12.82 -10.12
CA SER B 81 28.80 -13.85 -11.13
C SER B 81 27.42 -14.19 -11.71
N LYS B 82 26.38 -13.99 -10.91
CA LYS B 82 25.01 -14.27 -11.35
C LYS B 82 24.23 -13.02 -11.71
N ASN B 83 24.88 -11.86 -11.65
CA ASN B 83 24.18 -10.61 -11.89
C ASN B 83 22.94 -10.52 -11.00
N GLN B 84 23.11 -10.91 -9.74
CA GLN B 84 21.96 -11.01 -8.82
C GLN B 84 22.12 -10.18 -7.54
N VAL B 85 21.00 -9.60 -7.10
CA VAL B 85 20.90 -8.94 -5.81
C VAL B 85 19.99 -9.82 -4.93
N SER B 86 20.25 -9.88 -3.64
CA SER B 86 19.46 -10.73 -2.76
C SER B 86 18.92 -9.98 -1.55
N LEU B 87 17.80 -10.47 -1.03
CA LEU B 87 17.24 -10.03 0.25
C LEU B 87 17.13 -11.22 1.18
N ARG B 88 17.57 -11.03 2.41
CA ARG B 88 17.38 -12.01 3.46
C ARG B 88 16.68 -11.33 4.64
N LEU B 89 15.64 -11.96 5.16
CA LEU B 89 14.84 -11.38 6.23
C LEU B 89 14.58 -12.41 7.32
N THR B 90 15.11 -12.14 8.51
CA THR B 90 15.08 -13.10 9.62
C THR B 90 13.85 -12.92 10.51
N SER B 91 13.49 -13.96 11.25
CA SER B 91 12.44 -13.92 12.25
C SER B 91 11.12 -13.36 11.71
N VAL B 92 10.64 -13.92 10.62
CA VAL B 92 9.45 -13.36 9.97
C VAL B 92 8.19 -13.63 10.79
N THR B 93 7.20 -12.76 10.62
CA THR B 93 5.87 -12.99 11.19
C THR B 93 4.88 -12.66 10.10
N ALA B 94 3.60 -12.76 10.42
CA ALA B 94 2.54 -12.46 9.47
C ALA B 94 2.68 -11.03 8.93
N ALA B 95 3.25 -10.13 9.71
CA ALA B 95 3.41 -8.75 9.25
C ALA B 95 4.32 -8.66 8.03
N ASP B 96 5.10 -9.70 7.76
CA ASP B 96 6.05 -9.67 6.64
C ASP B 96 5.47 -10.26 5.35
N THR B 97 4.25 -10.77 5.43
CA THR B 97 3.53 -11.22 4.25
C THR B 97 3.31 -10.04 3.31
N ALA B 98 3.67 -10.20 2.04
CA ALA B 98 3.63 -9.11 1.07
C ALA B 98 4.13 -9.55 -0.29
N LEU B 99 3.81 -8.75 -1.30
CA LEU B 99 4.52 -8.79 -2.58
C LEU B 99 5.84 -8.09 -2.38
N TYR B 100 6.92 -8.72 -2.82
CA TYR B 100 8.26 -8.15 -2.70
C TYR B 100 8.80 -7.79 -4.08
N TYR B 101 9.18 -6.53 -4.26
CA TYR B 101 9.71 -6.03 -5.52
C TYR B 101 11.18 -5.68 -5.36
N CYS B 102 11.97 -5.88 -6.39
CA CYS B 102 13.28 -5.25 -6.45
C CYS B 102 13.21 -4.14 -7.47
N ALA B 103 14.06 -3.14 -7.31
CA ALA B 103 14.08 -2.02 -8.25
C ALA B 103 15.48 -1.43 -8.32
N ARG B 104 15.71 -0.59 -9.32
CA ARG B 104 16.96 0.15 -9.41
C ARG B 104 16.72 1.60 -9.02
N ARG B 105 17.63 2.15 -8.23
CA ARG B 105 17.62 3.59 -7.97
C ARG B 105 18.55 4.23 -9.01
N GLN B 106 18.01 5.16 -9.78
CA GLN B 106 18.79 5.86 -10.79
C GLN B 106 18.75 7.35 -10.48
N LEU B 107 19.91 8.00 -10.59
CA LEU B 107 19.97 9.46 -10.49
C LEU B 107 19.58 10.06 -11.84
N LEU B 108 18.44 10.73 -11.89
CA LEU B 108 17.88 11.24 -13.15
C LEU B 108 18.10 12.74 -13.31
N ASP B 109 18.48 13.13 -14.53
CA ASP B 109 18.76 14.53 -14.87
C ASP B 109 17.50 15.37 -14.99
N ASP B 110 17.58 16.63 -14.55
CA ASP B 110 16.43 17.53 -14.71
C ASP B 110 16.64 18.49 -15.88
N GLY B 111 17.76 18.34 -16.57
CA GLY B 111 18.06 19.15 -17.73
C GLY B 111 18.83 20.42 -17.40
N THR B 112 19.16 20.62 -16.13
CA THR B 112 19.89 21.81 -15.71
C THR B 112 21.20 21.48 -15.02
N GLY B 113 21.67 20.24 -15.17
CA GLY B 113 22.89 19.79 -14.54
C GLY B 113 22.66 19.17 -13.16
N TYR B 114 21.39 19.10 -12.77
CA TYR B 114 20.99 18.60 -11.46
C TYR B 114 20.38 17.20 -11.60
N GLN B 115 20.47 16.38 -10.55
CA GLN B 115 19.91 15.03 -10.56
C GLN B 115 19.14 14.71 -9.28
N TRP B 116 18.06 13.93 -9.41
CA TRP B 116 17.36 13.43 -8.23
C TRP B 116 17.15 11.93 -8.38
N ALA B 117 17.14 11.22 -7.26
CA ALA B 117 16.98 9.75 -7.27
C ALA B 117 15.52 9.30 -7.40
N ALA B 118 15.29 8.30 -8.23
CA ALA B 118 13.98 7.64 -8.30
C ALA B 118 14.18 6.16 -8.63
N PHE B 119 13.18 5.34 -8.32
CA PHE B 119 13.22 3.92 -8.68
C PHE B 119 12.66 3.75 -10.08
N ASP B 120 13.55 3.73 -11.07
CA ASP B 120 13.11 3.90 -12.45
C ASP B 120 12.81 2.56 -13.13
N VAL B 121 13.27 1.46 -12.54
CA VAL B 121 13.00 0.14 -13.10
C VAL B 121 12.62 -0.82 -11.97
N TRP B 122 11.50 -1.52 -12.15
CA TRP B 122 10.96 -2.42 -11.13
C TRP B 122 10.80 -3.83 -11.70
N GLY B 123 10.91 -4.84 -10.84
CA GLY B 123 10.58 -6.19 -11.23
C GLY B 123 9.07 -6.36 -11.25
N GLN B 124 8.63 -7.57 -11.54
CA GLN B 124 7.21 -7.91 -11.52
C GLN B 124 6.74 -8.24 -10.11
N GLY B 125 7.69 -8.53 -9.22
CA GLY B 125 7.37 -8.79 -7.82
C GLY B 125 7.15 -10.27 -7.57
N THR B 126 7.48 -10.72 -6.37
CA THR B 126 7.18 -12.10 -5.99
C THR B 126 6.38 -12.10 -4.69
N MET B 127 5.33 -12.90 -4.63
CA MET B 127 4.47 -12.97 -3.46
C MET B 127 5.05 -13.86 -2.36
N VAL B 128 5.02 -13.37 -1.13
CA VAL B 128 5.49 -14.14 0.03
C VAL B 128 4.44 -14.17 1.13
N THR B 129 4.09 -15.38 1.56
CA THR B 129 3.13 -15.56 2.63
C THR B 129 3.77 -16.20 3.83
N VAL B 130 3.66 -15.54 4.99
CA VAL B 130 4.19 -16.10 6.22
C VAL B 130 3.06 -16.83 6.92
N SER B 131 3.14 -18.15 6.91
CA SER B 131 2.09 -18.98 7.48
C SER B 131 2.63 -20.35 7.91
N SER B 132 2.10 -20.87 9.03
CA SER B 132 2.31 -22.25 9.41
C SER B 132 0.95 -22.97 9.43
N ALA B 133 -0.04 -22.36 8.77
CA ALA B 133 -1.36 -22.96 8.66
C ALA B 133 -1.25 -24.31 7.97
N SER B 134 -1.97 -25.30 8.49
CA SER B 134 -2.14 -26.55 7.78
C SER B 134 -3.63 -26.78 7.55
N THR B 135 -3.94 -27.74 6.70
CA THR B 135 -5.32 -28.04 6.33
C THR B 135 -6.21 -28.05 7.55
N LYS B 136 -7.39 -27.45 7.43
CA LYS B 136 -8.32 -27.26 8.51
C LYS B 136 -9.69 -26.97 8.01
N GLY B 137 -10.68 -27.71 8.42
CA GLY B 137 -12.06 -27.47 8.01
C GLY B 137 -12.69 -26.32 8.78
N PRO B 138 -13.62 -25.61 8.15
CA PRO B 138 -14.17 -24.42 8.81
C PRO B 138 -15.15 -24.80 9.91
N SER B 139 -15.36 -23.92 10.87
CA SER B 139 -16.51 -23.99 11.74
C SER B 139 -17.59 -23.16 11.07
N VAL B 140 -18.79 -23.71 10.94
CA VAL B 140 -19.90 -23.00 10.29
C VAL B 140 -20.94 -22.58 11.33
N PHE B 141 -21.28 -21.30 11.33
CA PHE B 141 -22.25 -20.76 12.29
C PHE B 141 -23.39 -20.04 11.57
N PRO B 142 -24.61 -20.16 12.12
CA PRO B 142 -25.75 -19.47 11.51
C PRO B 142 -25.76 -18.00 11.90
N LEU B 143 -26.10 -17.14 10.94
CA LEU B 143 -26.26 -15.72 11.21
C LEU B 143 -27.74 -15.39 11.10
N ALA B 144 -28.42 -15.38 12.25
CA ALA B 144 -29.87 -15.24 12.29
C ALA B 144 -30.31 -13.88 11.78
N PRO B 145 -31.50 -13.82 11.17
CA PRO B 145 -32.03 -12.54 10.68
C PRO B 145 -32.36 -11.59 11.83
N SER B 146 -32.30 -10.29 11.55
CA SER B 146 -32.60 -9.27 12.55
C SER B 146 -34.09 -9.30 12.93
N SER B 147 -34.36 -9.30 14.23
CA SER B 147 -35.72 -9.32 14.74
C SER B 147 -36.59 -8.25 14.06
N GLY B 153 -39.88 -4.58 5.46
CA GLY B 153 -40.02 -5.30 4.21
C GLY B 153 -39.21 -6.59 4.17
N THR B 154 -37.91 -6.47 4.38
CA THR B 154 -37.02 -7.62 4.24
C THR B 154 -36.09 -7.81 5.43
N ALA B 155 -35.42 -8.94 5.46
CA ALA B 155 -34.43 -9.23 6.49
C ALA B 155 -33.27 -9.97 5.85
N ALA B 156 -32.07 -9.78 6.38
CA ALA B 156 -30.90 -10.49 5.90
C ALA B 156 -30.48 -11.56 6.89
N LEU B 157 -30.20 -12.76 6.38
CA LEU B 157 -29.66 -13.82 7.20
C LEU B 157 -28.49 -14.44 6.45
N GLY B 158 -27.70 -15.26 7.13
CA GLY B 158 -26.58 -15.89 6.46
C GLY B 158 -25.86 -16.92 7.30
N CYS B 159 -24.63 -17.22 6.86
N CYS B 159 -24.67 -17.31 6.85
CA CYS B 159 -23.79 -18.24 7.48
CA CYS B 159 -23.86 -18.20 7.67
C CYS B 159 -22.36 -17.73 7.56
C CYS B 159 -22.37 -17.86 7.56
N LEU B 160 -21.73 -17.89 8.72
CA LEU B 160 -20.33 -17.53 8.87
C LEU B 160 -19.49 -18.80 8.72
N VAL B 161 -18.48 -18.74 7.86
CA VAL B 161 -17.59 -19.88 7.62
C VAL B 161 -16.20 -19.52 8.14
N LYS B 162 -15.90 -19.91 9.38
CA LYS B 162 -14.76 -19.35 10.12
C LYS B 162 -13.55 -20.29 10.18
N ASP B 163 -12.41 -19.70 9.99
CA ASP B 163 -11.13 -20.33 10.26
C ASP B 163 -10.87 -21.63 9.49
N TYR B 164 -10.59 -21.53 8.22
CA TYR B 164 -10.30 -22.71 7.41
C TYR B 164 -9.02 -22.52 6.59
N PHE B 165 -8.51 -23.62 6.06
CA PHE B 165 -7.32 -23.58 5.21
C PHE B 165 -7.17 -24.90 4.44
N PRO B 166 -6.78 -24.83 3.17
CA PRO B 166 -6.59 -23.61 2.36
C PRO B 166 -7.89 -23.21 1.64
N GLU B 167 -7.83 -22.23 0.75
CA GLU B 167 -8.92 -21.95 -0.16
C GLU B 167 -9.01 -23.13 -1.11
N PRO B 168 -10.17 -23.35 -1.73
CA PRO B 168 -11.36 -22.50 -1.62
C PRO B 168 -12.47 -23.15 -0.82
N VAL B 169 -13.50 -22.36 -0.52
CA VAL B 169 -14.74 -22.87 0.02
C VAL B 169 -15.86 -22.50 -0.95
N THR B 170 -16.91 -23.31 -1.03
CA THR B 170 -18.07 -22.95 -1.85
C THR B 170 -19.33 -22.95 -1.00
N VAL B 171 -20.27 -22.07 -1.32
CA VAL B 171 -21.52 -22.01 -0.59
C VAL B 171 -22.71 -21.94 -1.54
N SER B 172 -23.77 -22.65 -1.18
CA SER B 172 -25.04 -22.52 -1.88
C SER B 172 -26.13 -22.45 -0.82
N TRP B 173 -27.36 -22.18 -1.24
CA TRP B 173 -28.47 -22.16 -0.32
C TRP B 173 -29.58 -23.11 -0.77
N ASN B 174 -30.17 -23.81 0.18
CA ASN B 174 -31.17 -24.82 -0.13
C ASN B 174 -30.73 -25.66 -1.33
N SER B 175 -29.51 -26.17 -1.26
CA SER B 175 -28.97 -27.08 -2.27
C SER B 175 -29.00 -26.48 -3.67
N GLY B 176 -28.99 -25.16 -3.76
CA GLY B 176 -28.95 -24.49 -5.05
C GLY B 176 -30.32 -24.08 -5.57
N ALA B 177 -31.33 -24.18 -4.71
CA ALA B 177 -32.69 -23.80 -5.09
C ALA B 177 -32.88 -22.29 -4.94
N LEU B 178 -32.18 -21.71 -3.97
CA LEU B 178 -32.29 -20.29 -3.70
C LEU B 178 -31.07 -19.57 -4.26
N THR B 179 -31.32 -18.64 -5.19
CA THR B 179 -30.24 -17.99 -5.93
C THR B 179 -30.33 -16.47 -5.88
N SER B 180 -31.53 -15.94 -6.03
CA SER B 180 -31.71 -14.49 -5.99
C SER B 180 -31.53 -13.98 -4.57
N GLY B 181 -30.89 -12.82 -4.43
CA GLY B 181 -30.71 -12.20 -3.13
C GLY B 181 -29.56 -12.81 -2.34
N VAL B 182 -28.91 -13.83 -2.90
CA VAL B 182 -27.73 -14.42 -2.25
C VAL B 182 -26.48 -13.60 -2.56
N HIS B 183 -25.69 -13.32 -1.54
CA HIS B 183 -24.38 -12.70 -1.73
C HIS B 183 -23.33 -13.40 -0.88
N THR B 184 -22.45 -14.12 -1.56
CA THR B 184 -21.34 -14.81 -0.93
C THR B 184 -20.07 -13.99 -1.05
N PHE B 185 -19.52 -13.57 0.08
CA PHE B 185 -18.36 -12.66 0.12
C PHE B 185 -17.02 -13.37 0.03
N PRO B 186 -16.07 -12.78 -0.70
CA PRO B 186 -14.69 -13.30 -0.68
C PRO B 186 -14.16 -13.39 0.76
N ALA B 187 -13.24 -14.32 0.97
CA ALA B 187 -12.73 -14.59 2.30
C ALA B 187 -11.72 -13.55 2.74
N VAL B 188 -11.68 -13.29 4.04
CA VAL B 188 -10.59 -12.57 4.65
C VAL B 188 -9.52 -13.59 5.07
N LEU B 189 -8.25 -13.20 5.00
CA LEU B 189 -7.16 -14.08 5.43
C LEU B 189 -6.54 -13.50 6.70
N GLN B 190 -6.84 -14.12 7.84
CA GLN B 190 -6.38 -13.63 9.13
C GLN B 190 -4.88 -13.79 9.33
N SER B 191 -4.35 -13.09 10.34
CA SER B 191 -2.93 -13.15 10.68
C SER B 191 -2.55 -14.53 11.21
N SER B 192 -3.55 -15.34 11.52
CA SER B 192 -3.30 -16.71 11.93
C SER B 192 -2.91 -17.57 10.74
N GLY B 193 -3.13 -17.04 9.53
CA GLY B 193 -2.98 -17.83 8.31
C GLY B 193 -4.27 -18.53 7.92
N LEU B 194 -5.31 -18.41 8.74
CA LEU B 194 -6.60 -19.02 8.47
C LEU B 194 -7.58 -18.05 7.80
N TYR B 195 -8.38 -18.57 6.87
CA TYR B 195 -9.38 -17.79 6.15
C TYR B 195 -10.73 -17.84 6.85
N SER B 196 -11.56 -16.84 6.56
CA SER B 196 -12.97 -16.85 6.93
C SER B 196 -13.79 -16.15 5.85
N LEU B 197 -15.01 -16.59 5.64
CA LEU B 197 -15.90 -15.87 4.73
C LEU B 197 -17.32 -15.98 5.23
N SER B 198 -18.22 -15.20 4.62
CA SER B 198 -19.63 -15.24 4.97
C SER B 198 -20.46 -15.26 3.70
N SER B 199 -21.65 -15.85 3.81
CA SER B 199 -22.66 -15.75 2.77
C SER B 199 -23.93 -15.20 3.41
N VAL B 200 -24.57 -14.25 2.73
CA VAL B 200 -25.78 -13.64 3.24
C VAL B 200 -26.87 -13.69 2.18
N VAL B 201 -28.11 -13.90 2.60
CA VAL B 201 -29.23 -13.88 1.68
C VAL B 201 -30.32 -12.95 2.22
N THR B 202 -30.83 -12.11 1.34
CA THR B 202 -31.89 -11.19 1.70
C THR B 202 -33.21 -11.80 1.23
N VAL B 203 -34.12 -12.04 2.17
CA VAL B 203 -35.43 -12.62 1.87
C VAL B 203 -36.54 -11.75 2.43
N PRO B 204 -37.78 -12.00 1.99
CA PRO B 204 -38.89 -11.23 2.54
C PRO B 204 -39.04 -11.57 4.02
N SER B 205 -39.21 -10.54 4.85
CA SER B 205 -39.38 -10.78 6.28
C SER B 205 -40.52 -11.76 6.54
N SER B 206 -41.55 -11.73 5.69
CA SER B 206 -42.72 -12.59 5.86
C SER B 206 -42.36 -14.08 5.71
N SER B 207 -41.39 -14.37 4.84
CA SER B 207 -41.01 -15.76 4.57
C SER B 207 -40.32 -16.42 5.76
N LEU B 208 -39.96 -15.62 6.75
CA LEU B 208 -39.18 -16.10 7.88
C LEU B 208 -39.87 -17.19 8.69
N GLY B 209 -41.20 -17.14 8.77
CA GLY B 209 -41.93 -18.13 9.52
C GLY B 209 -42.22 -19.37 8.68
N THR B 210 -42.53 -19.13 7.41
CA THR B 210 -42.94 -20.20 6.52
C THR B 210 -41.74 -20.96 5.94
N GLN B 211 -40.76 -20.21 5.44
CA GLN B 211 -39.70 -20.78 4.62
C GLN B 211 -38.48 -21.29 5.40
N THR B 212 -37.90 -22.38 4.91
CA THR B 212 -36.68 -22.94 5.47
C THR B 212 -35.47 -22.45 4.70
N TYR B 213 -34.41 -22.08 5.42
CA TYR B 213 -33.19 -21.57 4.80
C TYR B 213 -31.96 -22.35 5.29
N ILE B 214 -31.27 -22.98 4.35
CA ILE B 214 -30.13 -23.84 4.66
C ILE B 214 -28.94 -23.49 3.78
N CYS B 215 -27.78 -23.20 4.38
CA CYS B 215 -26.58 -22.95 3.58
C CYS B 215 -25.74 -24.22 3.46
N ASN B 216 -25.26 -24.50 2.25
CA ASN B 216 -24.46 -25.68 2.00
C ASN B 216 -22.99 -25.30 1.80
N VAL B 217 -22.17 -25.59 2.80
CA VAL B 217 -20.77 -25.21 2.76
C VAL B 217 -19.92 -26.43 2.42
N ASN B 218 -19.06 -26.29 1.42
CA ASN B 218 -18.19 -27.39 1.02
C ASN B 218 -16.75 -26.94 1.04
N HIS B 219 -15.92 -27.64 1.81
CA HIS B 219 -14.49 -27.36 1.85
C HIS B 219 -13.73 -28.64 1.47
N LYS B 220 -13.46 -28.80 0.18
CA LYS B 220 -12.91 -30.04 -0.34
C LYS B 220 -11.59 -30.44 0.28
N PRO B 221 -10.67 -29.48 0.44
CA PRO B 221 -9.32 -29.81 0.91
C PRO B 221 -9.32 -30.47 2.29
N SER B 222 -10.31 -30.12 3.12
CA SER B 222 -10.45 -30.76 4.43
C SER B 222 -11.39 -31.94 4.36
N ASN B 223 -12.03 -32.12 3.22
CA ASN B 223 -13.02 -33.17 3.04
C ASN B 223 -14.13 -33.00 4.04
N THR B 224 -14.51 -31.75 4.34
CA THR B 224 -15.68 -31.48 5.16
C THR B 224 -16.74 -30.80 4.32
N LYS B 225 -17.99 -31.07 4.67
CA LYS B 225 -19.12 -30.52 3.94
C LYS B 225 -20.24 -30.39 4.94
N VAL B 226 -20.79 -29.19 5.05
CA VAL B 226 -21.70 -28.87 6.13
C VAL B 226 -22.97 -28.19 5.60
N ASP B 227 -24.12 -28.69 6.02
CA ASP B 227 -25.40 -28.06 5.69
C ASP B 227 -25.95 -27.46 6.98
N LYS B 228 -26.08 -26.14 7.02
CA LYS B 228 -26.54 -25.45 8.23
C LYS B 228 -27.89 -24.79 8.01
N LYS B 229 -28.88 -25.11 8.84
CA LYS B 229 -30.15 -24.42 8.79
C LYS B 229 -30.09 -23.14 9.62
N VAL B 230 -30.62 -22.06 9.06
CA VAL B 230 -30.54 -20.75 9.69
C VAL B 230 -31.93 -20.29 10.11
N GLU B 231 -32.13 -20.15 11.42
CA GLU B 231 -33.46 -19.81 11.94
C GLU B 231 -33.45 -18.49 12.71
N PRO B 232 -34.61 -17.81 12.76
CA PRO B 232 -34.77 -16.59 13.55
C PRO B 232 -34.46 -16.86 15.02
N LYS B 233 -34.30 -15.81 15.81
CA LYS B 233 -33.80 -15.97 17.18
C LYS B 233 -34.58 -15.11 18.16
N LEU C 36 33.21 7.20 -6.74
CA LEU C 36 34.17 7.45 -7.80
C LEU C 36 34.02 8.85 -8.37
N HIS C 37 32.78 9.35 -8.38
CA HIS C 37 32.49 10.69 -8.88
C HIS C 37 31.70 11.52 -7.87
N HIS C 38 31.47 12.79 -8.24
CA HIS C 38 30.84 13.74 -7.34
C HIS C 38 29.31 13.63 -7.32
N ASP C 39 28.76 12.80 -8.21
CA ASP C 39 27.31 12.75 -8.42
C ASP C 39 26.52 12.09 -7.28
N GLY C 40 27.18 11.25 -6.48
CA GLY C 40 26.55 10.65 -5.33
C GLY C 40 25.91 9.29 -5.59
N GLN C 41 26.40 8.57 -6.59
CA GLN C 41 25.91 7.24 -6.90
C GLN C 41 26.06 6.28 -5.72
N PHE C 42 26.96 6.60 -4.80
CA PHE C 42 27.13 5.75 -3.63
C PHE C 42 26.61 6.38 -2.33
N CYS C 43 25.96 7.54 -2.44
CA CYS C 43 25.32 8.15 -1.28
C CYS C 43 23.93 7.57 -1.07
N HIS C 44 23.64 7.16 0.15
CA HIS C 44 22.30 6.65 0.47
C HIS C 44 21.37 7.79 0.87
N LYS C 45 21.94 8.86 1.39
CA LYS C 45 21.15 9.94 1.94
C LYS C 45 21.38 11.23 1.15
N PRO C 46 20.32 11.99 0.88
CA PRO C 46 20.45 13.27 0.18
C PRO C 46 20.85 14.38 1.13
N CYS C 47 21.23 15.53 0.56
CA CYS C 47 21.36 16.75 1.35
C CYS C 47 20.29 17.77 0.93
N PRO C 48 19.75 18.52 1.91
CA PRO C 48 18.68 19.48 1.64
C PRO C 48 19.20 20.74 0.95
N PRO C 49 18.29 21.58 0.42
CA PRO C 49 18.69 22.86 -0.17
C PRO C 49 19.61 23.64 0.75
N GLY C 50 20.61 24.28 0.17
CA GLY C 50 21.55 25.09 0.92
C GLY C 50 22.75 24.29 1.38
N GLU C 51 22.76 23.00 1.08
CA GLU C 51 23.80 22.10 1.55
C GLU C 51 24.36 21.20 0.44
N ARG C 52 25.43 20.47 0.76
CA ARG C 52 26.04 19.52 -0.16
C ARG C 52 26.80 18.46 0.63
N LYS C 53 27.03 17.30 0.04
CA LYS C 53 27.86 16.30 0.69
C LYS C 53 29.26 16.88 0.92
N ALA C 54 29.83 16.63 2.09
CA ALA C 54 31.14 17.21 2.43
C ALA C 54 32.22 16.69 1.48
N ARG C 55 32.03 15.48 0.98
CA ARG C 55 32.92 14.89 0.00
C ARG C 55 32.19 13.78 -0.73
N ASP C 56 32.78 13.31 -1.82
CA ASP C 56 32.21 12.20 -2.59
C ASP C 56 31.94 11.01 -1.68
N CYS C 57 30.77 10.42 -1.84
CA CYS C 57 30.48 9.15 -1.20
C CYS C 57 31.29 8.07 -1.87
N THR C 58 31.82 7.15 -1.06
CA THR C 58 32.56 6.02 -1.58
C THR C 58 31.84 4.75 -1.15
N VAL C 59 32.17 3.64 -1.80
CA VAL C 59 31.47 2.39 -1.55
C VAL C 59 31.82 1.79 -0.19
N ASN C 60 32.91 2.26 0.42
CA ASN C 60 33.37 1.63 1.65
C ASN C 60 33.68 2.59 2.81
N GLY C 61 33.57 3.89 2.59
CA GLY C 61 33.78 4.86 3.65
C GLY C 61 32.47 5.26 4.33
N ASP C 62 32.56 5.76 5.56
CA ASP C 62 31.40 6.30 6.25
C ASP C 62 30.79 7.35 5.34
N GLU C 63 29.47 7.37 5.23
CA GLU C 63 28.85 8.38 4.39
C GLU C 63 29.16 9.76 4.94
N PRO C 64 29.60 10.67 4.08
CA PRO C 64 29.92 12.03 4.52
C PRO C 64 28.70 12.77 5.05
N ASP C 65 28.91 13.71 5.97
CA ASP C 65 27.85 14.59 6.45
C ASP C 65 27.55 15.63 5.38
N CYS C 66 26.43 16.33 5.55
CA CYS C 66 26.10 17.47 4.70
C CYS C 66 26.72 18.72 5.27
N VAL C 67 27.24 19.59 4.41
CA VAL C 67 27.75 20.88 4.85
C VAL C 67 27.15 21.98 4.00
N PRO C 68 27.14 23.22 4.51
CA PRO C 68 26.47 24.33 3.82
C PRO C 68 27.26 24.85 2.62
N CYS C 69 26.56 25.29 1.58
CA CYS C 69 27.22 25.96 0.47
C CYS C 69 27.91 27.23 0.98
N GLN C 70 28.86 27.75 0.21
CA GLN C 70 29.54 28.99 0.58
C GLN C 70 28.60 30.18 0.38
N GLU C 71 28.05 30.68 1.48
CA GLU C 71 27.10 31.80 1.44
C GLU C 71 27.59 32.93 0.53
N GLY C 72 26.73 33.38 -0.36
CA GLY C 72 27.03 34.49 -1.24
C GLY C 72 27.85 34.13 -2.47
N LYS C 73 28.31 32.89 -2.55
CA LYS C 73 29.12 32.44 -3.68
C LYS C 73 28.52 31.21 -4.38
N GLU C 74 27.99 30.29 -3.58
CA GLU C 74 27.39 29.07 -4.11
C GLU C 74 26.07 28.77 -3.43
N TYR C 75 25.25 27.94 -4.08
CA TYR C 75 23.92 27.67 -3.57
C TYR C 75 23.39 26.37 -4.16
N THR C 76 22.39 25.80 -3.49
CA THR C 76 21.62 24.71 -4.06
C THR C 76 20.17 24.95 -3.67
N ASP C 77 19.33 25.09 -4.66
CA ASP C 77 17.95 25.38 -4.44
C ASP C 77 17.06 24.13 -4.37
N LYS C 78 17.69 22.98 -4.38
CA LYS C 78 16.97 21.71 -4.38
C LYS C 78 17.82 20.60 -3.75
N ALA C 79 17.19 19.68 -3.03
CA ALA C 79 17.91 18.57 -2.42
C ALA C 79 18.61 17.72 -3.51
N HIS C 80 19.72 17.09 -3.14
CA HIS C 80 20.53 16.35 -4.11
C HIS C 80 21.51 15.42 -3.39
N PHE C 81 22.27 14.65 -4.17
CA PHE C 81 23.18 13.65 -3.61
C PHE C 81 24.65 13.95 -3.91
N SER C 82 24.95 15.10 -4.50
CA SER C 82 26.30 15.40 -4.94
C SER C 82 27.11 16.15 -3.89
N SER C 83 28.41 16.29 -4.14
CA SER C 83 29.30 16.96 -3.20
C SER C 83 29.71 18.34 -3.68
N LYS C 84 28.89 18.94 -4.54
CA LYS C 84 29.16 20.27 -5.07
C LYS C 84 27.90 21.14 -4.97
N CYS C 85 28.08 22.44 -4.78
CA CYS C 85 26.99 23.40 -4.87
C CYS C 85 27.04 24.08 -6.24
N ARG C 86 26.03 24.89 -6.57
CA ARG C 86 26.05 25.66 -7.81
C ARG C 86 26.69 27.01 -7.57
N ARG C 87 27.26 27.60 -8.61
CA ARG C 87 27.82 28.94 -8.50
C ARG C 87 26.72 29.98 -8.60
N CYS C 88 26.79 31.00 -7.75
CA CYS C 88 25.83 32.09 -7.81
C CYS C 88 25.95 32.87 -9.11
N ARG C 89 24.82 33.41 -9.58
CA ARG C 89 24.76 34.15 -10.83
C ARG C 89 25.46 35.51 -10.71
N LEU C 90 25.70 36.15 -11.85
CA LEU C 90 26.33 37.47 -11.87
C LEU C 90 25.47 38.45 -12.66
N CYS C 91 25.90 39.70 -12.71
CA CYS C 91 25.15 40.76 -13.40
C CYS C 91 26.08 41.83 -13.96
N GLY C 94 27.20 46.70 -15.78
CA GLY C 94 27.71 45.43 -16.29
C GLY C 94 27.27 45.20 -17.72
N HIS C 95 26.58 44.08 -17.96
CA HIS C 95 26.10 43.76 -19.29
C HIS C 95 24.71 44.38 -19.51
N GLY C 96 24.50 45.57 -18.97
CA GLY C 96 23.20 46.21 -19.00
C GLY C 96 22.34 45.73 -17.85
N LEU C 97 22.93 44.96 -16.95
CA LEU C 97 22.21 44.39 -15.81
C LEU C 97 22.96 44.59 -14.50
N GLU C 98 22.21 44.57 -13.39
CA GLU C 98 22.78 44.73 -12.06
C GLU C 98 22.14 43.74 -11.09
N VAL C 99 22.69 43.63 -9.88
CA VAL C 99 22.13 42.74 -8.87
C VAL C 99 20.86 43.32 -8.26
N GLU C 100 19.91 42.45 -7.94
CA GLU C 100 18.67 42.89 -7.29
C GLU C 100 18.50 42.19 -5.94
N ILE C 101 18.90 40.93 -5.87
CA ILE C 101 18.92 40.20 -4.61
C ILE C 101 20.17 39.33 -4.56
N ASN C 102 20.92 39.44 -3.48
CA ASN C 102 22.13 38.65 -3.31
C ASN C 102 21.83 37.16 -3.30
N CYS C 103 22.74 36.40 -3.89
CA CYS C 103 22.64 34.96 -3.85
C CYS C 103 22.62 34.53 -2.39
N THR C 104 21.73 33.59 -2.07
CA THR C 104 21.70 32.98 -0.75
C THR C 104 22.06 31.49 -0.91
N ARG C 105 22.23 30.79 0.20
CA ARG C 105 22.67 29.39 0.13
C ARG C 105 21.66 28.50 -0.59
N THR C 106 20.42 28.98 -0.69
CA THR C 106 19.37 28.25 -1.29
C THR C 106 18.70 28.90 -2.47
N GLN C 107 19.16 30.07 -2.85
CA GLN C 107 18.56 30.79 -3.92
C GLN C 107 19.57 31.59 -4.70
N ASN C 108 19.65 31.31 -5.97
CA ASN C 108 20.56 32.00 -6.90
C ASN C 108 20.35 33.51 -6.89
N THR C 109 21.40 34.25 -7.25
CA THR C 109 21.32 35.70 -7.36
C THR C 109 20.31 36.11 -8.41
N LYS C 110 19.41 37.01 -8.05
CA LYS C 110 18.48 37.58 -9.02
C LYS C 110 19.04 38.86 -9.61
N CYS C 111 18.91 39.02 -10.92
CA CYS C 111 19.47 40.18 -11.61
C CYS C 111 18.37 41.15 -12.04
N ARG C 112 18.79 42.25 -12.67
CA ARG C 112 17.89 43.35 -12.95
C ARG C 112 18.47 44.26 -14.02
N CYS C 113 17.60 44.96 -14.75
CA CYS C 113 18.05 45.86 -15.81
C CYS C 113 18.34 47.26 -15.28
N CYS C 119 19.62 44.28 -22.81
CA CYS C 119 18.16 44.20 -22.82
C CYS C 119 17.61 44.61 -24.19
#